data_7GWU
#
_entry.id   7GWU
#
_cell.length_a   67.690
_cell.length_b   67.690
_cell.length_c   166.310
_cell.angle_alpha   90.000
_cell.angle_beta   90.000
_cell.angle_gamma   120.000
#
_symmetry.space_group_name_H-M   'P 61 2 2'
#
loop_
_entity.id
_entity.type
_entity.pdbx_description
1 polymer 'B-cell lymphoma 6 protein'
2 polymer 'WVIP tetrapeptide'
3 non-polymer 5-{[5-chloro-2-(dimethylamino)pyrimidin-4-yl]amino}-1,3-dihydro-2H-indol-2-one
4 non-polymer 'CHLORIDE ION'
5 non-polymer 'DIMETHYL SULFOXIDE'
6 water water
#
loop_
_entity_poly.entity_id
_entity_poly.type
_entity_poly.pdbx_seq_one_letter_code
_entity_poly.pdbx_strand_id
1 'polypeptide(L)'
;GPGADSCIQFTRHASDVLLNLNRLRSRDILTDVVIVVSREQFRAHKTVLMACSGLFYSIFTDQLKCNLSVINLDPEINPE
GFCILLDFMYTSRLNLREGNIMAVMATAMYLQMEHVVDTCRKFIKASE
;
A
2 'polypeptide(L)' (ACE)WVIPA D
#
loop_
_chem_comp.id
_chem_comp.type
_chem_comp.name
_chem_comp.formula
A1ADA non-polymer 5-{[5-chloro-2-(dimethylamino)pyrimidin-4-yl]amino}-1,3-dihydro-2H-indol-2-one 'C14 H14 Cl N5 O'
ACE non-polymer 'ACETYL GROUP' 'C2 H4 O'
CL non-polymer 'CHLORIDE ION' 'Cl -1'
DMS non-polymer 'DIMETHYL SULFOXIDE' 'C2 H6 O S'
#
# COMPACT_ATOMS: atom_id res chain seq x y z
N ASP A 5 -6.80 27.01 12.63
CA ASP A 5 -6.90 27.99 11.55
C ASP A 5 -8.37 28.22 11.11
N SER A 6 -8.57 29.11 10.11
CA SER A 6 -9.88 29.42 9.54
C SER A 6 -10.08 28.75 8.15
N CYS A 7 -9.38 27.64 7.90
CA CYS A 7 -9.45 26.87 6.65
C CYS A 7 -10.84 26.28 6.37
N ILE A 8 -11.15 26.02 5.08
CA ILE A 8 -12.30 25.24 4.63
C ILE A 8 -11.68 23.93 4.14
N GLN A 9 -12.47 22.86 4.08
N GLN A 9 -12.42 22.83 4.25
CA GLN A 9 -11.94 21.58 3.67
CA GLN A 9 -11.88 21.54 3.88
C GLN A 9 -12.76 20.91 2.58
C GLN A 9 -12.68 20.89 2.77
N PHE A 10 -12.09 20.34 1.57
N PHE A 10 -11.98 20.26 1.82
CA PHE A 10 -12.75 19.59 0.50
CA PHE A 10 -12.59 19.55 0.71
C PHE A 10 -12.74 18.10 0.88
C PHE A 10 -12.67 18.08 1.07
N THR A 11 -13.89 17.60 1.33
CA THR A 11 -14.13 16.22 1.80
C THR A 11 -13.55 15.13 0.87
N ARG A 12 -13.75 15.26 -0.45
CA ARG A 12 -13.31 14.24 -1.38
C ARG A 12 -11.85 14.38 -1.87
N HIS A 13 -11.13 15.43 -1.45
CA HIS A 13 -9.78 15.66 -1.95
C HIS A 13 -8.82 14.48 -1.81
N ALA A 14 -8.67 13.93 -0.58
CA ALA A 14 -7.73 12.81 -0.36
C ALA A 14 -8.05 11.59 -1.23
N SER A 15 -9.35 11.23 -1.36
N SER A 15 -9.35 11.23 -1.36
N SER A 15 -9.35 11.24 -1.36
CA SER A 15 -9.80 10.09 -2.18
CA SER A 15 -9.81 10.10 -2.17
CA SER A 15 -9.81 10.11 -2.17
C SER A 15 -9.52 10.35 -3.67
C SER A 15 -9.52 10.35 -3.66
C SER A 15 -9.51 10.35 -3.65
N ASP A 16 -9.71 11.60 -4.13
CA ASP A 16 -9.45 12.03 -5.52
C ASP A 16 -7.95 11.96 -5.81
N VAL A 17 -7.10 12.39 -4.84
CA VAL A 17 -5.64 12.30 -4.99
C VAL A 17 -5.23 10.82 -5.18
N LEU A 18 -5.70 9.96 -4.27
CA LEU A 18 -5.38 8.53 -4.31
C LEU A 18 -5.84 7.87 -5.60
N LEU A 19 -7.05 8.22 -6.07
CA LEU A 19 -7.58 7.73 -7.34
C LEU A 19 -6.65 8.12 -8.50
N ASN A 20 -6.14 9.36 -8.52
CA ASN A 20 -5.23 9.81 -9.57
C ASN A 20 -3.88 9.16 -9.47
N LEU A 21 -3.39 8.92 -8.25
CA LEU A 21 -2.11 8.21 -8.05
C LEU A 21 -2.26 6.78 -8.58
N ASN A 22 -3.43 6.15 -8.39
CA ASN A 22 -3.65 4.80 -8.92
C ASN A 22 -3.70 4.80 -10.45
N ARG A 23 -4.27 5.87 -11.05
CA ARG A 23 -4.33 6.04 -12.51
C ARG A 23 -2.92 6.17 -13.07
N LEU A 24 -2.03 6.90 -12.35
CA LEU A 24 -0.62 7.01 -12.76
C LEU A 24 0.05 5.64 -12.67
N ARG A 25 -0.22 4.88 -11.59
CA ARG A 25 0.36 3.54 -11.44
C ARG A 25 -0.08 2.62 -12.59
N SER A 26 -1.38 2.60 -12.91
CA SER A 26 -1.93 1.74 -13.97
C SER A 26 -1.35 2.05 -15.36
N ARG A 27 -0.92 3.31 -15.58
N ARG A 27 -0.93 3.31 -15.60
CA ARG A 27 -0.31 3.74 -16.85
CA ARG A 27 -0.34 3.74 -16.86
C ARG A 27 1.22 3.74 -16.78
C ARG A 27 1.20 3.78 -16.78
N ASP A 28 1.77 3.33 -15.63
CA ASP A 28 3.20 3.27 -15.33
C ASP A 28 3.88 4.67 -15.42
N ILE A 29 3.18 5.71 -14.98
CA ILE A 29 3.68 7.09 -15.01
C ILE A 29 4.37 7.46 -13.72
N LEU A 30 5.65 7.89 -13.84
CA LEU A 30 6.52 8.35 -12.76
C LEU A 30 6.75 7.31 -11.65
N THR A 31 6.58 6.02 -11.98
CA THR A 31 6.89 4.94 -11.05
C THR A 31 8.42 4.95 -10.99
N ASP A 32 8.98 4.82 -9.79
CA ASP A 32 10.44 4.94 -9.60
C ASP A 32 11.05 3.77 -8.88
N VAL A 33 10.31 2.65 -8.77
CA VAL A 33 10.83 1.45 -8.11
C VAL A 33 10.10 0.20 -8.60
N VAL A 34 10.82 -0.93 -8.58
N VAL A 34 10.80 -0.92 -8.59
CA VAL A 34 10.30 -2.27 -8.89
CA VAL A 34 10.23 -2.23 -8.89
C VAL A 34 10.44 -3.06 -7.59
C VAL A 34 10.44 -3.12 -7.67
N ILE A 35 9.34 -3.67 -7.14
CA ILE A 35 9.34 -4.52 -5.96
C ILE A 35 9.30 -5.93 -6.51
N VAL A 36 10.34 -6.72 -6.20
CA VAL A 36 10.47 -8.10 -6.65
C VAL A 36 10.04 -9.02 -5.53
N VAL A 37 9.04 -9.87 -5.83
CA VAL A 37 8.44 -10.83 -4.90
C VAL A 37 8.49 -12.16 -5.65
N SER A 38 9.43 -13.02 -5.25
CA SER A 38 9.75 -14.31 -5.89
C SER A 38 10.05 -14.00 -7.39
N ARG A 39 9.27 -14.55 -8.31
CA ARG A 39 9.51 -14.27 -9.73
C ARG A 39 8.83 -12.97 -10.20
N GLU A 40 7.80 -12.51 -9.45
CA GLU A 40 6.94 -11.38 -9.83
C GLU A 40 7.52 -10.01 -9.51
N GLN A 41 7.28 -9.07 -10.44
CA GLN A 41 7.75 -7.70 -10.37
C GLN A 41 6.57 -6.74 -10.30
N PHE A 42 6.61 -5.76 -9.37
CA PHE A 42 5.52 -4.79 -9.23
C PHE A 42 6.11 -3.40 -9.26
N ARG A 43 5.64 -2.57 -10.19
CA ARG A 43 6.09 -1.18 -10.31
C ARG A 43 5.25 -0.29 -9.42
N ALA A 44 5.86 0.67 -8.74
CA ALA A 44 5.12 1.54 -7.83
C ALA A 44 5.85 2.86 -7.62
N HIS A 45 5.23 3.75 -6.84
CA HIS A 45 5.79 5.05 -6.47
C HIS A 45 6.32 4.87 -5.05
N LYS A 46 7.61 5.17 -4.84
CA LYS A 46 8.26 5.08 -3.52
C LYS A 46 7.44 5.82 -2.44
N THR A 47 7.00 7.05 -2.74
CA THR A 47 6.23 7.87 -1.78
C THR A 47 4.95 7.19 -1.31
N VAL A 48 4.19 6.57 -2.23
CA VAL A 48 2.94 5.88 -1.85
C VAL A 48 3.27 4.67 -0.98
N LEU A 49 4.31 3.90 -1.34
CA LEU A 49 4.73 2.74 -0.54
C LEU A 49 5.09 3.18 0.89
N MET A 50 5.84 4.29 1.01
CA MET A 50 6.24 4.82 2.32
C MET A 50 5.04 5.30 3.13
N ALA A 51 4.08 5.95 2.46
CA ALA A 51 2.88 6.47 3.11
C ALA A 51 1.99 5.37 3.68
N CYS A 52 2.11 4.14 3.14
CA CYS A 52 1.25 3.01 3.52
C CYS A 52 1.91 1.95 4.38
N SER A 53 3.24 1.86 4.32
CA SER A 53 3.96 0.75 4.93
C SER A 53 5.12 1.19 5.81
N GLY A 54 5.17 0.68 7.03
CA GLY A 54 6.27 0.97 7.95
C GLY A 54 7.58 0.43 7.45
N LEU A 55 7.53 -0.71 6.72
CA LEU A 55 8.72 -1.31 6.13
C LEU A 55 9.29 -0.43 5.00
N PHE A 56 8.45 0.00 4.04
CA PHE A 56 8.92 0.86 2.95
C PHE A 56 9.36 2.22 3.45
N TYR A 57 8.71 2.72 4.51
CA TYR A 57 9.08 3.98 5.12
C TYR A 57 10.53 3.91 5.65
N SER A 58 10.86 2.82 6.37
CA SER A 58 12.20 2.59 6.90
C SER A 58 13.22 2.44 5.76
N ILE A 59 12.88 1.66 4.72
CA ILE A 59 13.74 1.42 3.56
C ILE A 59 14.09 2.71 2.81
N PHE A 60 13.08 3.50 2.43
CA PHE A 60 13.34 4.66 1.59
C PHE A 60 13.78 5.91 2.37
N THR A 61 13.86 5.86 3.72
CA THR A 61 14.42 7.00 4.48
C THR A 61 15.89 6.68 4.74
N ASP A 62 16.31 5.46 4.38
CA ASP A 62 17.71 5.06 4.51
C ASP A 62 18.50 5.71 3.37
N GLN A 63 19.53 6.47 3.72
CA GLN A 63 20.41 7.22 2.82
C GLN A 63 20.97 6.41 1.63
N LEU A 64 21.14 5.08 1.77
CA LEU A 64 21.64 4.23 0.67
C LEU A 64 20.50 3.62 -0.14
N LYS A 65 19.51 3.04 0.55
CA LYS A 65 18.38 2.35 -0.09
C LYS A 65 17.42 3.30 -0.80
N CYS A 66 17.34 4.58 -0.37
CA CYS A 66 16.46 5.58 -1.02
C CYS A 66 16.73 5.73 -2.52
N ASN A 67 17.97 5.40 -2.97
CA ASN A 67 18.44 5.49 -4.35
C ASN A 67 18.31 4.21 -5.18
N LEU A 68 17.82 3.13 -4.57
CA LEU A 68 17.66 1.86 -5.28
C LEU A 68 16.41 1.87 -6.16
N SER A 69 16.54 1.33 -7.39
N SER A 69 16.53 1.33 -7.39
CA SER A 69 15.45 1.23 -8.36
CA SER A 69 15.39 1.25 -8.30
C SER A 69 14.75 -0.14 -8.24
C SER A 69 14.72 -0.14 -8.21
N VAL A 70 15.40 -1.09 -7.53
CA VAL A 70 14.91 -2.46 -7.35
C VAL A 70 15.02 -2.84 -5.86
N ILE A 71 13.92 -3.34 -5.27
CA ILE A 71 13.88 -3.83 -3.90
C ILE A 71 13.39 -5.27 -3.95
N ASN A 72 14.16 -6.21 -3.40
CA ASN A 72 13.77 -7.62 -3.35
C ASN A 72 13.23 -7.94 -1.97
N LEU A 73 11.99 -8.44 -1.90
CA LEU A 73 11.37 -8.83 -0.64
C LEU A 73 11.84 -10.21 -0.21
N ASP A 74 11.64 -10.52 1.08
CA ASP A 74 11.98 -11.82 1.69
C ASP A 74 11.34 -12.95 0.86
N PRO A 75 12.06 -14.05 0.51
CA PRO A 75 11.45 -15.12 -0.32
C PRO A 75 10.20 -15.78 0.24
N GLU A 76 9.91 -15.62 1.55
CA GLU A 76 8.71 -16.16 2.19
C GLU A 76 7.44 -15.39 1.75
N ILE A 77 7.61 -14.16 1.26
CA ILE A 77 6.47 -13.33 0.85
C ILE A 77 5.83 -13.87 -0.42
N ASN A 78 4.51 -14.04 -0.34
CA ASN A 78 3.67 -14.55 -1.40
C ASN A 78 3.33 -13.41 -2.40
N PRO A 79 3.60 -13.56 -3.73
CA PRO A 79 3.28 -12.49 -4.70
C PRO A 79 1.80 -12.05 -4.73
N GLU A 80 0.86 -13.00 -4.54
CA GLU A 80 -0.56 -12.66 -4.52
C GLU A 80 -0.91 -11.80 -3.30
N GLY A 81 -0.40 -12.16 -2.12
CA GLY A 81 -0.60 -11.37 -0.91
C GLY A 81 -0.08 -9.95 -1.10
N PHE A 82 1.12 -9.82 -1.74
CA PHE A 82 1.69 -8.49 -2.01
C PHE A 82 0.81 -7.70 -2.98
N CYS A 83 0.37 -8.34 -4.06
CA CYS A 83 -0.51 -7.72 -5.06
C CYS A 83 -1.80 -7.13 -4.45
N ILE A 84 -2.46 -7.91 -3.56
CA ILE A 84 -3.67 -7.49 -2.84
C ILE A 84 -3.36 -6.27 -1.98
N LEU A 85 -2.21 -6.28 -1.28
CA LEU A 85 -1.82 -5.15 -0.43
C LEU A 85 -1.42 -3.93 -1.21
N LEU A 86 -0.73 -4.12 -2.36
CA LEU A 86 -0.36 -2.99 -3.24
C LEU A 86 -1.64 -2.33 -3.78
N ASP A 87 -2.63 -3.13 -4.19
CA ASP A 87 -3.92 -2.61 -4.64
C ASP A 87 -4.61 -1.83 -3.51
N PHE A 88 -4.57 -2.35 -2.26
CA PHE A 88 -5.12 -1.64 -1.09
C PHE A 88 -4.44 -0.29 -0.90
N MET A 89 -3.11 -0.26 -1.02
CA MET A 89 -2.37 1.00 -0.83
C MET A 89 -2.88 2.10 -1.73
N TYR A 90 -3.13 1.74 -3.00
CA TYR A 90 -3.57 2.71 -4.01
C TYR A 90 -5.09 2.91 -4.09
N THR A 91 -5.90 2.12 -3.36
CA THR A 91 -7.36 2.25 -3.48
C THR A 91 -8.15 2.37 -2.17
N SER A 92 -7.58 1.95 -1.03
CA SER A 92 -8.28 1.83 0.27
C SER A 92 -9.16 0.54 0.32
N ARG A 93 -9.15 -0.26 -0.77
N ARG A 93 -9.19 -0.24 -0.78
CA ARG A 93 -9.95 -1.47 -0.89
CA ARG A 93 -9.98 -1.47 -0.86
C ARG A 93 -9.10 -2.71 -0.72
C ARG A 93 -9.14 -2.71 -0.74
N LEU A 94 -9.51 -3.58 0.20
CA LEU A 94 -8.80 -4.82 0.48
C LEU A 94 -9.61 -6.03 0.05
N ASN A 95 -9.08 -6.81 -0.91
CA ASN A 95 -9.73 -8.02 -1.42
C ASN A 95 -9.38 -9.19 -0.48
N LEU A 96 -10.04 -9.22 0.68
CA LEU A 96 -9.81 -10.21 1.72
C LEU A 96 -10.77 -11.37 1.51
N ARG A 97 -10.22 -12.58 1.29
CA ARG A 97 -11.02 -13.79 1.05
C ARG A 97 -10.47 -14.94 1.91
N GLU A 98 -11.32 -15.95 2.16
CA GLU A 98 -10.93 -17.13 2.96
C GLU A 98 -9.62 -17.75 2.48
N GLY A 99 -9.46 -17.87 1.16
CA GLY A 99 -8.28 -18.46 0.54
C GLY A 99 -7.01 -17.61 0.53
N ASN A 100 -7.12 -16.31 0.88
CA ASN A 100 -5.93 -15.46 0.86
C ASN A 100 -5.59 -14.79 2.19
N ILE A 101 -6.52 -14.85 3.17
CA ILE A 101 -6.40 -14.13 4.45
C ILE A 101 -5.08 -14.42 5.21
N MET A 102 -4.63 -15.68 5.24
CA MET A 102 -3.38 -16.00 5.93
C MET A 102 -2.17 -15.36 5.24
N ALA A 103 -2.12 -15.41 3.89
CA ALA A 103 -1.03 -14.81 3.09
C ALA A 103 -1.09 -13.29 3.19
N VAL A 104 -2.31 -12.71 3.22
CA VAL A 104 -2.50 -11.24 3.34
C VAL A 104 -2.02 -10.77 4.72
N MET A 105 -2.42 -11.45 5.82
N MET A 105 -2.42 -11.45 5.82
CA MET A 105 -2.00 -11.08 7.17
CA MET A 105 -2.00 -11.08 7.17
C MET A 105 -0.48 -11.16 7.33
C MET A 105 -0.48 -11.16 7.33
N ALA A 106 0.14 -12.26 6.85
CA ALA A 106 1.61 -12.45 6.91
C ALA A 106 2.35 -11.35 6.14
N THR A 107 1.86 -11.01 4.93
CA THR A 107 2.47 -9.94 4.13
C THR A 107 2.28 -8.58 4.83
N ALA A 108 1.08 -8.32 5.40
CA ALA A 108 0.82 -7.03 6.08
C ALA A 108 1.68 -6.87 7.35
N MET A 109 1.95 -7.99 8.07
CA MET A 109 2.80 -7.98 9.26
C MET A 109 4.25 -7.63 8.84
N TYR A 110 4.71 -8.22 7.73
CA TYR A 110 6.04 -7.97 7.16
C TYR A 110 6.16 -6.53 6.66
N LEU A 111 5.10 -6.04 5.99
CA LEU A 111 5.12 -4.68 5.45
C LEU A 111 4.85 -3.63 6.51
N GLN A 112 4.39 -4.05 7.69
CA GLN A 112 4.05 -3.16 8.81
C GLN A 112 2.90 -2.23 8.43
N MET A 113 1.76 -2.86 8.08
CA MET A 113 0.52 -2.16 7.72
C MET A 113 -0.46 -2.54 8.81
N GLU A 114 -0.36 -1.82 9.94
CA GLU A 114 -1.08 -2.06 11.19
C GLU A 114 -2.59 -2.23 11.07
N HIS A 115 -3.28 -1.37 10.30
CA HIS A 115 -4.74 -1.47 10.14
C HIS A 115 -5.17 -2.73 9.40
N VAL A 116 -4.39 -3.16 8.38
CA VAL A 116 -4.68 -4.42 7.65
C VAL A 116 -4.49 -5.61 8.59
N VAL A 117 -3.41 -5.63 9.39
CA VAL A 117 -3.14 -6.71 10.34
C VAL A 117 -4.30 -6.85 11.34
N ASP A 118 -4.73 -5.74 11.97
N ASP A 118 -4.81 -5.72 11.86
CA ASP A 118 -5.82 -5.69 12.97
CA ASP A 118 -5.94 -5.66 12.79
C ASP A 118 -7.12 -6.35 12.49
C ASP A 118 -7.23 -6.26 12.20
N THR A 119 -7.52 -6.07 11.24
N THR A 119 -7.60 -5.93 10.94
CA THR A 119 -8.75 -6.58 10.62
CA THR A 119 -8.82 -6.49 10.35
C THR A 119 -8.63 -8.04 10.25
C THR A 119 -8.68 -7.97 10.03
N CYS A 120 -7.45 -8.45 9.72
CA CYS A 120 -7.18 -9.86 9.41
C CYS A 120 -7.35 -10.66 10.68
N ARG A 121 -6.78 -10.16 11.81
CA ARG A 121 -6.90 -10.78 13.13
C ARG A 121 -8.36 -10.92 13.55
N LYS A 122 -9.17 -9.87 13.32
CA LYS A 122 -10.60 -9.86 13.65
C LYS A 122 -11.39 -10.85 12.81
N PHE A 123 -11.13 -10.90 11.48
CA PHE A 123 -11.80 -11.82 10.56
C PHE A 123 -11.42 -13.28 10.84
N ILE A 124 -10.17 -13.54 11.27
CA ILE A 124 -9.70 -14.88 11.62
C ILE A 124 -10.36 -15.34 12.94
N LYS A 125 -10.42 -14.43 13.94
CA LYS A 125 -11.06 -14.69 15.24
C LYS A 125 -12.54 -15.09 15.08
N ALA A 126 -13.26 -14.42 14.15
CA ALA A 126 -14.68 -14.68 13.85
C ALA A 126 -14.93 -16.09 13.29
N SER A 127 -13.97 -16.63 12.52
CA SER A 127 -14.07 -17.97 11.93
C SER A 127 -13.43 -18.98 12.87
C ACE B 1 -17.19 19.96 -0.16
O ACE B 1 -16.28 19.27 0.31
CH3 ACE B 1 -18.16 19.37 -1.18
N TRP B 2 -17.38 21.22 0.18
N TRP B 2 -17.37 21.24 0.14
CA TRP B 2 -16.54 21.95 1.13
CA TRP B 2 -16.54 21.95 1.13
C TRP B 2 -17.23 22.05 2.49
C TRP B 2 -17.24 21.93 2.49
N VAL B 3 -16.46 21.86 3.58
CA VAL B 3 -16.98 21.87 4.96
C VAL B 3 -16.08 22.72 5.87
N ILE B 4 -16.56 23.00 7.08
CA ILE B 4 -15.79 23.62 8.16
C ILE B 4 -15.17 22.41 8.89
N PRO B 5 -13.84 22.18 8.79
CA PRO B 5 -13.27 20.99 9.43
C PRO B 5 -13.31 21.02 10.95
N ALA B 6 -13.36 19.85 11.59
C10 A1ADA C . 1.79 1.58 9.31
C11 A1ADA C . 1.68 2.47 8.06
C12 A1ADA C . 2.91 3.33 8.16
C13 A1ADA C . 3.34 4.36 7.31
O A1ADA C . 0.99 0.74 9.72
N3 A1ADA C . 2.98 1.91 9.99
C9 A1ADA C . 3.64 2.96 9.32
C8 A1ADA C . 4.83 3.61 9.68
C7 A1ADA C . 5.27 4.65 8.85
C6 A1ADA C . 4.57 5.03 7.68
N2 A1ADA C . 4.80 6.23 6.92
C5 A1ADA C . 5.37 7.39 7.33
C4 A1ADA C . 5.66 8.45 6.42
CL A1ADA C . 5.59 8.24 4.77
C3 A1ADA C . 6.03 9.68 6.94
N1 A1ADA C . 6.16 9.88 8.25
N4 A1ADA C . 5.50 7.58 8.65
C2 A1ADA C . 5.91 8.82 9.09
N A1ADA C . 6.15 8.95 10.50
C1 A1ADA C . 6.61 10.23 11.10
C A1ADA C . 5.92 7.81 11.46
CL CL D . -2.77 -0.28 6.98
S DMS E . -18.76 26.47 4.09
O DMS E . -19.31 25.50 5.00
C1 DMS E . -17.39 25.60 3.37
C2 DMS E . -19.84 26.43 2.69
#